data_7NL5
#
_entry.id   7NL5
#
_cell.length_a   43.521
_cell.length_b   65.415
_cell.length_c   49.442
_cell.angle_alpha   90.000
_cell.angle_beta   101.900
_cell.angle_gamma   90.000
#
_symmetry.space_group_name_H-M   'P 1 21 1'
#
loop_
_entity.id
_entity.type
_entity.pdbx_description
1 polymer Alpha-1,6-mannanase
2 branched alpha-D-mannopyranose-(1-6)-alpha-D-mannopyranose
3 non-polymer (1R,6S)-5beta-(Hydroxymethyl)-7-oxabicyclo[4.1.0]heptane-2beta,3beta,4alpha-triol
4 non-polymer (1R,2R,3R,4S,5R)-4-(hydroxymethyl)cyclohexane-1,2,3,5-tetrol
5 water water
#
_entity_poly.entity_id   1
_entity_poly.type   'polypeptide(L)'
_entity_poly.pdbx_seq_one_letter_code
;MGSSHHHHHHSSGLEVLFQGPAYTASDGDTAMKAFNDTFWDPNAKMFWKDSKREKHQDFWVEAELWELVMDAYQHTSDPA
LKAELKTQIDDVYDGTVAKYGQDWTNNPFNDDIMWWAMGSARAYQITGNPRYLEAARDHFDFVYDTQWDEEFANGGIWWL
NSDHNTKNACINFPAAQAALYLYDITKDEHYLNAATKIFRWGKTMLTDGNGKVFDRIEIEHGAVPDATHYNQGTYIGSAV
GLYKATGNAVYLDDAVKAAKFTKNHLVDSNGVLNYEGPNGDLKGGKTILMRNLAHLQKTLDETGQYPEFSAEFDEWLAFN
IEMAWSHQNSDHIVDGNWAGQLLSGTYESWSSAAAVQALNGI
;
_entity_poly.pdbx_strand_id   A
#
# COMPACT_ATOMS: atom_id res chain seq x y z
N SER A 26 11.75 15.54 3.55
CA SER A 26 11.19 16.91 3.75
C SER A 26 10.29 16.91 4.98
N ASP A 27 9.56 18.01 5.23
CA ASP A 27 8.54 18.15 6.31
C ASP A 27 7.30 17.33 5.94
N GLY A 28 7.00 16.29 6.70
CA GLY A 28 5.76 15.51 6.60
C GLY A 28 4.82 15.80 7.75
N ASP A 29 5.30 16.59 8.71
CA ASP A 29 4.49 16.87 9.92
C ASP A 29 3.35 17.82 9.60
N THR A 30 3.62 18.90 8.87
CA THR A 30 2.58 19.88 8.51
C THR A 30 1.44 19.17 7.76
N ALA A 31 1.79 18.26 6.84
CA ALA A 31 0.79 17.61 5.96
C ALA A 31 -0.02 16.63 6.79
N MET A 32 0.62 15.87 7.68
CA MET A 32 -0.10 14.89 8.54
C MET A 32 -1.06 15.63 9.48
N LYS A 33 -0.60 16.71 10.12
CA LYS A 33 -1.49 17.45 11.06
C LYS A 33 -2.66 18.05 10.32
N ALA A 34 -2.45 18.58 9.12
CA ALA A 34 -3.52 19.18 8.31
C ALA A 34 -4.52 18.08 7.93
N PHE A 35 -4.01 16.94 7.54
CA PHE A 35 -4.87 15.80 7.12
C PHE A 35 -5.78 15.42 8.29
N ASN A 36 -5.17 15.24 9.46
CA ASN A 36 -5.95 14.91 10.69
C ASN A 36 -6.97 16.01 11.00
N ASP A 37 -6.51 17.29 10.98
CA ASP A 37 -7.46 18.38 11.31
C ASP A 37 -8.66 18.35 10.36
N THR A 38 -8.46 18.10 9.07
CA THR A 38 -9.53 18.10 8.08
C THR A 38 -10.39 16.83 8.16
N PHE A 39 -9.79 15.65 8.38
CA PHE A 39 -10.52 14.38 8.13
C PHE A 39 -10.67 13.50 9.35
N TRP A 40 -9.87 13.62 10.40
CA TRP A 40 -9.99 12.67 11.52
C TRP A 40 -11.20 12.98 12.38
N ASP A 41 -12.00 11.98 12.69
CA ASP A 41 -13.17 12.07 13.61
C ASP A 41 -12.78 11.42 14.92
N PRO A 42 -12.45 12.20 15.97
CA PRO A 42 -12.03 11.57 17.21
C PRO A 42 -13.17 10.91 17.98
N ASN A 43 -14.43 11.16 17.61
CA ASN A 43 -15.57 10.46 18.22
C ASN A 43 -15.66 9.03 17.68
N ALA A 44 -15.83 8.86 16.37
CA ALA A 44 -15.91 7.52 15.78
C ALA A 44 -14.54 6.84 15.69
N LYS A 45 -13.45 7.57 15.89
CA LYS A 45 -12.07 7.03 15.71
C LYS A 45 -11.96 6.43 14.29
N MET A 46 -12.40 7.22 13.33
CA MET A 46 -12.27 6.91 11.89
C MET A 46 -12.01 8.20 11.14
N PHE A 47 -11.44 8.08 9.95
CA PHE A 47 -11.38 9.23 9.03
C PHE A 47 -12.71 9.40 8.31
N TRP A 48 -13.12 10.67 8.15
CA TRP A 48 -14.22 11.03 7.25
C TRP A 48 -13.81 10.74 5.81
N LYS A 49 -14.77 10.35 4.99
CA LYS A 49 -14.52 10.16 3.54
C LYS A 49 -14.20 11.46 2.83
N ASP A 50 -14.84 12.55 3.21
CA ASP A 50 -14.55 13.84 2.56
C ASP A 50 -14.87 14.97 3.54
N SER A 51 -14.60 16.20 3.10
CA SER A 51 -14.73 17.38 3.98
C SER A 51 -16.20 17.75 4.21
N LYS A 52 -17.18 17.15 3.57
CA LYS A 52 -18.62 17.32 3.95
C LYS A 52 -18.93 16.53 5.23
N ARG A 53 -18.06 15.59 5.68
CA ARG A 53 -18.17 14.82 6.97
C ARG A 53 -19.55 14.18 7.12
N GLU A 54 -20.07 13.53 6.09
CA GLU A 54 -21.38 12.83 6.08
C GLU A 54 -21.22 11.31 6.21
N LYS A 55 -20.07 10.78 5.83
CA LYS A 55 -19.83 9.33 5.90
C LYS A 55 -18.36 9.09 6.19
N HIS A 56 -18.06 8.03 6.92
CA HIS A 56 -16.64 7.69 7.20
C HIS A 56 -16.08 6.94 6.00
N GLN A 57 -14.78 6.87 5.96
CA GLN A 57 -14.03 6.24 4.88
C GLN A 57 -14.39 4.75 4.72
N ASP A 58 -14.32 4.28 3.48
CA ASP A 58 -14.54 2.84 3.18
C ASP A 58 -13.58 2.00 4.02
N PHE A 59 -14.04 0.78 4.33
CA PHE A 59 -13.28 -0.20 5.11
C PHE A 59 -11.85 -0.38 4.58
N TRP A 60 -11.66 -0.74 3.31
CA TRP A 60 -10.29 -1.11 2.88
C TRP A 60 -9.39 0.12 2.88
N VAL A 61 -9.93 1.24 2.47
CA VAL A 61 -9.14 2.49 2.40
C VAL A 61 -8.74 2.88 3.81
N GLU A 62 -9.59 2.63 4.80
CA GLU A 62 -9.21 2.96 6.20
C GLU A 62 -7.93 2.20 6.58
N ALA A 63 -7.73 0.96 6.15
CA ALA A 63 -6.46 0.24 6.42
C ALA A 63 -5.28 1.01 5.84
N GLU A 64 -5.43 1.62 4.68
CA GLU A 64 -4.32 2.36 4.01
C GLU A 64 -4.11 3.68 4.74
N LEU A 65 -5.15 4.29 5.28
CA LEU A 65 -4.94 5.52 6.11
C LEU A 65 -4.33 5.09 7.44
N TRP A 66 -4.63 3.90 7.93
CA TRP A 66 -3.95 3.40 9.16
C TRP A 66 -2.44 3.30 8.90
N GLU A 67 -2.07 2.73 7.77
CA GLU A 67 -0.64 2.63 7.39
C GLU A 67 -0.02 4.02 7.21
N LEU A 68 -0.77 5.00 6.73
CA LEU A 68 -0.26 6.38 6.61
C LEU A 68 0.08 6.91 8.01
N VAL A 69 -0.82 6.74 8.96
CA VAL A 69 -0.56 7.15 10.37
C VAL A 69 0.74 6.48 10.86
N MET A 70 0.89 5.19 10.62
CA MET A 70 2.12 4.45 10.99
C MET A 70 3.35 5.04 10.30
N ASP A 71 3.23 5.36 9.01
CA ASP A 71 4.41 5.90 8.27
C ASP A 71 4.76 7.27 8.85
N ALA A 72 3.78 8.10 9.14
CA ALA A 72 4.06 9.43 9.73
C ALA A 72 4.66 9.23 11.13
N TYR A 73 4.19 8.27 11.89
CA TYR A 73 4.77 7.95 13.23
C TYR A 73 6.29 7.66 13.07
N GLN A 74 6.66 6.87 12.09
CA GLN A 74 8.08 6.46 11.87
C GLN A 74 8.87 7.64 11.32
N HIS A 75 8.27 8.55 10.57
CA HIS A 75 9.00 9.64 9.87
C HIS A 75 9.28 10.81 10.81
N THR A 76 8.35 11.16 11.67
CA THR A 76 8.44 12.44 12.43
C THR A 76 9.59 12.41 13.44
N SER A 77 10.19 13.58 13.65
N SER A 77 10.20 13.58 13.63
CA SER A 77 11.15 13.86 14.75
CA SER A 77 11.16 13.86 14.73
C SER A 77 10.54 14.84 15.75
C SER A 77 10.46 14.59 15.88
N ASP A 78 9.23 15.09 15.66
CA ASP A 78 8.50 15.92 16.66
C ASP A 78 7.92 14.99 17.71
N PRO A 79 8.46 14.98 18.95
CA PRO A 79 8.03 14.02 19.96
C PRO A 79 6.55 14.22 20.34
N ALA A 80 6.00 15.43 20.23
CA ALA A 80 4.56 15.76 20.46
C ALA A 80 3.72 15.03 19.38
N LEU A 81 4.03 15.25 18.10
CA LEU A 81 3.25 14.61 17.01
C LEU A 81 3.48 13.10 17.11
N LYS A 82 4.68 12.66 17.41
CA LYS A 82 4.96 11.21 17.57
C LYS A 82 4.02 10.56 18.60
N ALA A 83 3.89 11.17 19.77
CA ALA A 83 3.02 10.64 20.83
C ALA A 83 1.57 10.64 20.39
N GLU A 84 1.13 11.64 19.67
CA GLU A 84 -0.26 11.74 19.17
C GLU A 84 -0.51 10.62 18.17
N LEU A 85 0.42 10.44 17.24
CA LEU A 85 0.27 9.37 16.22
C LEU A 85 0.34 7.98 16.89
N LYS A 86 1.14 7.77 17.93
CA LYS A 86 1.16 6.47 18.61
C LYS A 86 -0.26 6.11 19.10
N THR A 87 -0.94 7.07 19.72
CA THR A 87 -2.30 6.85 20.23
C THR A 87 -3.22 6.59 19.03
N GLN A 88 -3.04 7.35 17.95
CA GLN A 88 -3.92 7.25 16.77
C GLN A 88 -3.79 5.85 16.16
N ILE A 89 -2.60 5.24 16.18
CA ILE A 89 -2.47 3.86 15.64
C ILE A 89 -3.47 2.94 16.34
N ASP A 90 -3.56 3.01 17.67
CA ASP A 90 -4.56 2.22 18.41
C ASP A 90 -5.98 2.66 18.06
N ASP A 91 -6.24 3.95 17.96
CA ASP A 91 -7.61 4.43 17.77
C ASP A 91 -8.14 3.95 16.42
N VAL A 92 -7.31 3.98 15.36
CA VAL A 92 -7.85 3.61 14.01
C VAL A 92 -8.34 2.17 14.10
N TYR A 93 -7.59 1.31 14.76
CA TYR A 93 -8.01 -0.11 14.88
C TYR A 93 -9.33 -0.17 15.67
N ASP A 94 -9.35 0.43 16.87
CA ASP A 94 -10.53 0.38 17.76
C ASP A 94 -11.76 0.94 17.04
N GLY A 95 -11.66 2.03 16.33
CA GLY A 95 -12.81 2.61 15.61
C GLY A 95 -13.37 1.68 14.54
N THR A 96 -12.49 1.02 13.81
CA THR A 96 -12.94 0.04 12.77
C THR A 96 -13.57 -1.18 13.44
N VAL A 97 -12.96 -1.70 14.51
CA VAL A 97 -13.51 -2.88 15.23
C VAL A 97 -14.90 -2.54 15.79
N ALA A 98 -15.09 -1.32 16.31
CA ALA A 98 -16.40 -0.91 16.86
C ALA A 98 -17.49 -1.00 15.80
N LYS A 99 -17.20 -0.60 14.57
CA LYS A 99 -18.19 -0.59 13.47
C LYS A 99 -18.32 -1.96 12.81
N TYR A 100 -17.20 -2.63 12.50
CA TYR A 100 -17.19 -3.85 11.65
C TYR A 100 -16.99 -5.13 12.46
N GLY A 101 -16.70 -5.05 13.75
CA GLY A 101 -16.32 -6.19 14.58
C GLY A 101 -14.86 -6.56 14.43
N GLN A 102 -14.43 -7.56 15.21
CA GLN A 102 -13.04 -8.05 15.26
C GLN A 102 -12.78 -9.05 14.12
N ASP A 103 -13.80 -9.69 13.59
CA ASP A 103 -13.68 -10.80 12.61
C ASP A 103 -14.17 -10.30 11.26
N TRP A 104 -13.25 -10.11 10.32
CA TRP A 104 -13.54 -9.53 8.99
C TRP A 104 -13.76 -10.62 7.95
N THR A 105 -13.75 -11.88 8.36
CA THR A 105 -13.77 -13.03 7.40
C THR A 105 -15.14 -13.22 6.77
N ASN A 106 -16.17 -12.46 7.15
CA ASN A 106 -17.49 -12.47 6.48
C ASN A 106 -17.49 -11.46 5.33
N ASN A 107 -16.43 -10.65 5.17
CA ASN A 107 -16.30 -9.71 4.03
C ASN A 107 -15.99 -10.54 2.78
N PRO A 108 -16.77 -10.40 1.66
CA PRO A 108 -16.56 -11.24 0.48
C PRO A 108 -15.30 -10.89 -0.33
N PHE A 109 -14.74 -9.70 -0.08
CA PHE A 109 -13.55 -9.21 -0.79
C PHE A 109 -12.30 -9.68 -0.05
N ASN A 110 -11.59 -10.63 -0.64
CA ASN A 110 -10.35 -11.13 0.01
C ASN A 110 -9.34 -9.99 0.08
N ASP A 111 -9.35 -9.09 -0.86
CA ASP A 111 -8.43 -7.92 -0.75
C ASP A 111 -8.77 -7.05 0.46
N ASP A 112 -10.06 -6.79 0.77
CA ASP A 112 -10.38 -5.99 1.98
C ASP A 112 -9.75 -6.64 3.21
N ILE A 113 -9.94 -7.95 3.35
CA ILE A 113 -9.41 -8.69 4.52
C ILE A 113 -7.89 -8.54 4.57
N MET A 114 -7.21 -8.72 3.44
CA MET A 114 -5.74 -8.72 3.39
C MET A 114 -5.20 -7.31 3.63
N TRP A 115 -5.87 -6.25 3.21
CA TRP A 115 -5.34 -4.89 3.49
C TRP A 115 -5.29 -4.73 5.01
N TRP A 116 -6.34 -5.18 5.70
CA TRP A 116 -6.33 -5.12 7.18
C TRP A 116 -5.35 -6.08 7.81
N ALA A 117 -5.18 -7.29 7.29
CA ALA A 117 -4.18 -8.22 7.83
C ALA A 117 -2.78 -7.61 7.74
N MET A 118 -2.47 -6.99 6.60
CA MET A 118 -1.17 -6.34 6.39
C MET A 118 -1.02 -5.12 7.34
N GLY A 119 -2.05 -4.28 7.49
CA GLY A 119 -1.95 -3.17 8.44
C GLY A 119 -1.71 -3.69 9.84
N SER A 120 -2.42 -4.75 10.22
CA SER A 120 -2.31 -5.32 11.60
C SER A 120 -0.89 -5.87 11.80
N ALA A 121 -0.30 -6.53 10.82
CA ALA A 121 1.07 -7.03 10.94
C ALA A 121 2.03 -5.87 11.18
N ARG A 122 1.88 -4.78 10.43
CA ARG A 122 2.70 -3.58 10.62
C ARG A 122 2.47 -3.02 12.02
N ALA A 123 1.21 -2.94 12.45
CA ALA A 123 0.96 -2.39 13.81
C ALA A 123 1.70 -3.23 14.85
N TYR A 124 1.74 -4.54 14.70
CA TYR A 124 2.53 -5.38 15.63
C TYR A 124 4.01 -5.08 15.49
N GLN A 125 4.53 -4.95 14.30
CA GLN A 125 5.97 -4.68 14.12
C GLN A 125 6.33 -3.41 14.89
N ILE A 126 5.46 -2.41 14.86
CA ILE A 126 5.72 -1.12 15.50
C ILE A 126 5.57 -1.23 17.02
N THR A 127 4.54 -1.90 17.53
CA THR A 127 4.13 -1.81 18.96
C THR A 127 4.46 -3.05 19.78
N GLY A 128 4.42 -4.24 19.18
CA GLY A 128 4.53 -5.50 19.94
C GLY A 128 3.28 -5.80 20.72
N ASN A 129 2.18 -5.13 20.44
CA ASN A 129 0.88 -5.42 21.07
C ASN A 129 0.31 -6.71 20.51
N PRO A 130 0.24 -7.82 21.26
CA PRO A 130 -0.14 -9.11 20.70
C PRO A 130 -1.49 -9.13 20.00
N ARG A 131 -2.41 -8.22 20.32
CA ARG A 131 -3.73 -8.17 19.67
C ARG A 131 -3.54 -7.96 18.15
N TYR A 132 -2.51 -7.23 17.73
CA TYR A 132 -2.29 -6.95 16.29
C TYR A 132 -1.69 -8.17 15.60
N LEU A 133 -0.90 -8.95 16.29
CA LEU A 133 -0.40 -10.21 15.69
C LEU A 133 -1.55 -11.18 15.50
N GLU A 134 -2.46 -11.31 16.46
CA GLU A 134 -3.59 -12.24 16.29
C GLU A 134 -4.46 -11.77 15.12
N ALA A 135 -4.76 -10.48 15.04
CA ALA A 135 -5.61 -9.98 13.93
C ALA A 135 -4.91 -10.26 12.61
N ALA A 136 -3.60 -10.08 12.53
CA ALA A 136 -2.88 -10.24 11.24
C ALA A 136 -2.90 -11.71 10.86
N ARG A 137 -2.50 -12.54 11.79
CA ARG A 137 -2.28 -13.99 11.52
C ARG A 137 -3.63 -14.65 11.22
N ASP A 138 -4.68 -14.38 11.99
CA ASP A 138 -5.97 -15.07 11.76
C ASP A 138 -6.58 -14.66 10.43
N HIS A 139 -6.48 -13.38 10.04
CA HIS A 139 -7.05 -12.94 8.75
C HIS A 139 -6.16 -13.41 7.60
N PHE A 140 -4.85 -13.31 7.72
CA PHE A 140 -3.96 -13.84 6.66
C PHE A 140 -4.26 -15.32 6.47
N ASP A 141 -4.32 -16.08 7.56
CA ASP A 141 -4.45 -17.55 7.46
C ASP A 141 -5.79 -17.87 6.75
N PHE A 142 -6.87 -17.18 7.13
CA PHE A 142 -8.16 -17.44 6.49
C PHE A 142 -8.03 -17.30 4.98
N VAL A 143 -7.46 -16.20 4.52
CA VAL A 143 -7.39 -15.97 3.05
C VAL A 143 -6.43 -16.99 2.43
N TYR A 144 -5.25 -17.18 2.97
CA TYR A 144 -4.23 -18.01 2.28
C TYR A 144 -4.70 -19.48 2.32
N ASP A 145 -5.30 -19.91 3.43
CA ASP A 145 -5.63 -21.32 3.61
C ASP A 145 -6.90 -21.66 2.82
N THR A 146 -7.85 -20.73 2.62
CA THR A 146 -9.14 -21.05 1.95
C THR A 146 -9.21 -20.48 0.54
N GLN A 147 -8.37 -19.49 0.17
CA GLN A 147 -8.58 -18.79 -1.13
C GLN A 147 -7.41 -18.95 -2.10
N TRP A 148 -6.29 -19.51 -1.69
CA TRP A 148 -5.20 -19.99 -2.58
C TRP A 148 -5.72 -21.24 -3.26
N ASP A 149 -5.58 -21.26 -4.57
CA ASP A 149 -6.07 -22.40 -5.39
C ASP A 149 -5.05 -22.70 -6.48
N GLU A 150 -4.87 -23.98 -6.82
CA GLU A 150 -4.00 -24.40 -7.94
C GLU A 150 -4.84 -25.01 -9.06
N GLU A 151 -6.16 -25.06 -8.94
CA GLU A 151 -7.02 -25.61 -10.02
C GLU A 151 -6.97 -24.66 -11.20
N PHE A 152 -7.03 -23.34 -10.96
CA PHE A 152 -7.04 -22.32 -12.01
C PHE A 152 -5.71 -21.60 -12.07
N ALA A 153 -5.02 -21.73 -13.18
CA ALA A 153 -3.80 -20.95 -13.50
C ALA A 153 -2.62 -21.32 -12.59
N ASN A 154 -2.60 -22.56 -12.14
CA ASN A 154 -1.49 -23.15 -11.37
C ASN A 154 -1.20 -22.43 -10.05
N GLY A 155 -2.13 -21.67 -9.51
CA GLY A 155 -1.82 -20.93 -8.28
C GLY A 155 -2.63 -19.67 -8.22
N GLY A 156 -2.38 -18.91 -7.17
CA GLY A 156 -2.95 -17.58 -6.96
C GLY A 156 -4.15 -17.60 -6.04
N ILE A 157 -4.36 -16.43 -5.42
CA ILE A 157 -5.54 -16.22 -4.53
C ILE A 157 -6.68 -15.60 -5.34
N TRP A 158 -7.87 -16.11 -5.11
CA TRP A 158 -9.11 -15.54 -5.67
C TRP A 158 -9.33 -14.13 -5.15
N TRP A 159 -9.90 -13.29 -5.97
CA TRP A 159 -10.33 -11.92 -5.58
C TRP A 159 -11.38 -11.96 -4.45
N LEU A 160 -12.41 -12.79 -4.63
CA LEU A 160 -13.57 -12.85 -3.72
C LEU A 160 -13.66 -14.23 -3.09
N ASN A 161 -14.29 -14.32 -1.89
CA ASN A 161 -14.57 -15.62 -1.27
C ASN A 161 -16.03 -16.00 -1.52
N SER A 162 -16.79 -15.13 -2.15
CA SER A 162 -18.21 -15.42 -2.49
C SER A 162 -18.33 -16.18 -3.82
N ASP A 163 -17.41 -15.91 -4.74
CA ASP A 163 -17.49 -16.42 -6.13
C ASP A 163 -16.07 -16.45 -6.66
N HIS A 164 -15.72 -17.51 -7.35
CA HIS A 164 -14.33 -17.67 -7.84
C HIS A 164 -14.27 -17.55 -9.35
N ASN A 165 -13.99 -16.36 -9.88
CA ASN A 165 -13.99 -16.09 -11.33
C ASN A 165 -12.69 -15.39 -11.76
N THR A 166 -11.95 -14.81 -10.80
CA THR A 166 -10.78 -13.99 -11.13
C THR A 166 -9.78 -14.01 -9.97
N LYS A 167 -8.52 -13.91 -10.32
CA LYS A 167 -7.40 -13.76 -9.38
C LYS A 167 -6.67 -12.46 -9.71
N ASN A 168 -6.47 -11.63 -8.70
CA ASN A 168 -6.17 -10.21 -8.97
C ASN A 168 -4.85 -9.81 -8.31
N ALA A 169 -4.18 -8.82 -8.91
CA ALA A 169 -2.95 -8.24 -8.34
C ALA A 169 -3.26 -7.63 -6.97
N CYS A 170 -4.43 -7.03 -6.81
CA CYS A 170 -4.78 -6.28 -5.57
C CYS A 170 -5.01 -7.18 -4.36
N ILE A 171 -5.17 -8.50 -4.53
CA ILE A 171 -5.09 -9.45 -3.40
C ILE A 171 -3.73 -10.15 -3.38
N ASN A 172 -3.19 -10.57 -4.50
CA ASN A 172 -2.00 -11.45 -4.48
C ASN A 172 -0.76 -10.72 -3.96
N PHE A 173 -0.45 -9.54 -4.48
CA PHE A 173 0.79 -8.87 -4.04
C PHE A 173 0.68 -8.38 -2.60
N PRO A 174 -0.48 -7.80 -2.18
CA PRO A 174 -0.63 -7.48 -0.77
C PRO A 174 -0.52 -8.73 0.12
N ALA A 175 -1.00 -9.87 -0.33
CA ALA A 175 -0.88 -11.11 0.47
C ALA A 175 0.59 -11.50 0.62
N ALA A 176 1.38 -11.37 -0.43
CA ALA A 176 2.81 -11.65 -0.37
C ALA A 176 3.45 -10.67 0.62
N GLN A 177 3.10 -9.40 0.56
CA GLN A 177 3.69 -8.43 1.51
C GLN A 177 3.30 -8.79 2.95
N ALA A 178 2.06 -9.12 3.19
CA ALA A 178 1.55 -9.47 4.53
C ALA A 178 2.31 -10.69 5.06
N ALA A 179 2.50 -11.68 4.20
CA ALA A 179 3.24 -12.92 4.57
C ALA A 179 4.68 -12.58 4.92
N LEU A 180 5.28 -11.61 4.24
CA LEU A 180 6.65 -11.20 4.54
C LEU A 180 6.73 -10.47 5.89
N TYR A 181 5.74 -9.64 6.23
CA TYR A 181 5.69 -9.05 7.59
C TYR A 181 5.52 -10.14 8.64
N LEU A 182 4.65 -11.11 8.38
CA LEU A 182 4.42 -12.24 9.33
C LEU A 182 5.70 -13.05 9.49
N TYR A 183 6.46 -13.27 8.42
CA TYR A 183 7.76 -13.98 8.52
C TYR A 183 8.74 -13.19 9.36
N ASP A 184 8.80 -11.88 9.16
CA ASP A 184 9.73 -11.03 9.95
C ASP A 184 9.36 -11.15 11.43
N ILE A 185 8.07 -11.15 11.75
CA ILE A 185 7.61 -11.13 13.17
C ILE A 185 7.82 -12.49 13.79
N THR A 186 7.37 -13.55 13.11
CA THR A 186 7.27 -14.88 13.73
C THR A 186 8.53 -15.73 13.53
N LYS A 187 9.35 -15.45 12.52
CA LYS A 187 10.47 -16.30 12.03
C LYS A 187 9.94 -17.66 11.54
N ASP A 188 8.65 -17.82 11.34
CA ASP A 188 8.04 -19.11 10.93
C ASP A 188 8.18 -19.23 9.40
N GLU A 189 8.98 -20.20 8.93
CA GLU A 189 9.29 -20.37 7.50
C GLU A 189 8.03 -20.62 6.70
N HIS A 190 6.93 -21.07 7.29
CA HIS A 190 5.61 -21.16 6.60
C HIS A 190 5.30 -19.84 5.89
N TYR A 191 5.53 -18.72 6.54
CA TYR A 191 5.13 -17.41 5.97
C TYR A 191 6.08 -17.00 4.85
N LEU A 192 7.35 -17.34 4.93
CA LEU A 192 8.26 -17.06 3.79
C LEU A 192 7.89 -17.96 2.61
N ASN A 193 7.56 -19.22 2.89
CA ASN A 193 7.09 -20.12 1.82
C ASN A 193 5.87 -19.51 1.14
N ALA A 194 4.91 -19.03 1.93
CA ALA A 194 3.68 -18.45 1.36
C ALA A 194 4.05 -17.24 0.49
N ALA A 195 4.84 -16.36 1.02
CA ALA A 195 5.23 -15.14 0.29
C ALA A 195 5.89 -15.49 -1.04
N THR A 196 6.81 -16.46 -1.01
CA THR A 196 7.57 -16.84 -2.18
C THR A 196 6.62 -17.43 -3.22
N LYS A 197 5.74 -18.33 -2.78
CA LYS A 197 4.83 -19.03 -3.73
C LYS A 197 3.87 -18.03 -4.37
N ILE A 198 3.35 -17.09 -3.58
CA ILE A 198 2.42 -16.07 -4.10
C ILE A 198 3.16 -15.19 -5.09
N PHE A 199 4.32 -14.66 -4.69
CA PHE A 199 5.05 -13.71 -5.53
C PHE A 199 5.48 -14.39 -6.84
N ARG A 200 6.06 -15.59 -6.77
CA ARG A 200 6.55 -16.28 -8.00
C ARG A 200 5.35 -16.48 -8.94
N TRP A 201 4.21 -16.89 -8.39
CA TRP A 201 3.00 -17.12 -9.22
C TRP A 201 2.55 -15.78 -9.82
N GLY A 202 2.51 -14.71 -9.04
CA GLY A 202 2.08 -13.42 -9.57
C GLY A 202 3.01 -12.87 -10.62
N LYS A 203 4.32 -13.01 -10.42
CA LYS A 203 5.31 -12.56 -11.42
C LYS A 203 5.06 -13.29 -12.73
N THR A 204 4.76 -14.57 -12.66
CA THR A 204 4.53 -15.37 -13.89
C THR A 204 3.21 -15.07 -14.57
N MET A 205 2.12 -15.00 -13.81
CA MET A 205 0.74 -14.96 -14.38
C MET A 205 0.18 -13.54 -14.42
N LEU A 206 0.70 -12.61 -13.59
CA LEU A 206 0.11 -11.25 -13.51
C LEU A 206 1.17 -10.22 -13.86
N THR A 207 2.23 -10.59 -14.55
CA THR A 207 3.10 -9.57 -15.17
C THR A 207 3.56 -10.02 -16.53
N ASP A 208 4.15 -9.08 -17.25
CA ASP A 208 4.72 -9.41 -18.59
C ASP A 208 6.20 -9.80 -18.49
N GLY A 209 6.75 -9.95 -17.28
CA GLY A 209 8.18 -10.23 -17.06
C GLY A 209 9.09 -9.04 -17.23
N ASN A 210 8.55 -7.90 -17.60
CA ASN A 210 9.35 -6.69 -17.92
C ASN A 210 9.01 -5.56 -16.94
N GLY A 211 8.19 -5.83 -15.93
CA GLY A 211 7.87 -4.79 -14.93
C GLY A 211 6.44 -4.32 -14.99
N LYS A 212 5.66 -4.71 -16.00
CA LYS A 212 4.23 -4.29 -16.07
C LYS A 212 3.38 -5.29 -15.28
N VAL A 213 2.64 -4.82 -14.30
CA VAL A 213 1.76 -5.66 -13.47
C VAL A 213 0.34 -5.61 -14.02
N PHE A 214 -0.19 -6.77 -14.35
CA PHE A 214 -1.55 -6.91 -14.88
C PHE A 214 -2.56 -6.80 -13.75
N ASP A 215 -3.73 -6.27 -14.02
CA ASP A 215 -4.77 -6.14 -13.00
C ASP A 215 -5.19 -7.51 -12.46
N ARG A 216 -5.46 -8.45 -13.32
CA ARG A 216 -6.08 -9.70 -12.92
C ARG A 216 -6.01 -10.72 -14.04
N ILE A 217 -6.32 -11.97 -13.72
CA ILE A 217 -6.48 -13.08 -14.71
C ILE A 217 -7.83 -13.71 -14.43
N GLU A 218 -8.69 -13.74 -15.46
CA GLU A 218 -10.08 -14.20 -15.32
C GLU A 218 -10.18 -15.59 -15.97
N ILE A 219 -11.08 -16.42 -15.47
CA ILE A 219 -11.24 -17.81 -15.98
C ILE A 219 -11.60 -17.77 -17.47
N GLU A 220 -12.56 -16.98 -17.88
CA GLU A 220 -13.10 -17.09 -19.27
C GLU A 220 -12.11 -16.43 -20.22
N HIS A 221 -11.67 -15.22 -19.88
CA HIS A 221 -11.06 -14.31 -20.87
C HIS A 221 -9.57 -14.11 -20.62
N GLY A 222 -8.98 -14.67 -19.56
CA GLY A 222 -7.53 -14.70 -19.37
C GLY A 222 -7.04 -13.39 -18.76
N ALA A 223 -5.78 -13.09 -18.99
CA ALA A 223 -5.12 -11.91 -18.36
C ALA A 223 -5.78 -10.61 -18.82
N VAL A 224 -5.91 -9.65 -17.90
CA VAL A 224 -6.37 -8.27 -18.17
C VAL A 224 -5.19 -7.34 -17.92
N PRO A 225 -4.43 -6.93 -18.94
CA PRO A 225 -3.14 -6.26 -18.72
C PRO A 225 -3.26 -4.74 -18.54
N ASP A 226 -4.17 -4.32 -17.67
CA ASP A 226 -4.37 -2.91 -17.28
C ASP A 226 -3.47 -2.64 -16.07
N ALA A 227 -2.57 -1.68 -16.17
CA ALA A 227 -1.62 -1.35 -15.07
C ALA A 227 -2.14 -0.17 -14.26
N THR A 228 -1.83 -0.15 -12.96
CA THR A 228 -2.30 0.93 -12.06
C THR A 228 -1.23 1.19 -11.02
N HIS A 229 -1.28 2.37 -10.46
CA HIS A 229 -0.35 2.74 -9.38
C HIS A 229 -0.33 1.71 -8.27
N TYR A 230 -1.46 1.33 -7.72
CA TYR A 230 -1.41 0.53 -6.44
C TYR A 230 -0.89 -0.88 -6.72
N ASN A 231 -1.11 -1.44 -7.91
CA ASN A 231 -0.64 -2.80 -8.23
C ASN A 231 0.85 -2.75 -8.59
N GLN A 232 1.35 -1.71 -9.25
CA GLN A 232 2.82 -1.56 -9.36
C GLN A 232 3.38 -1.47 -7.93
N GLY A 233 2.70 -0.72 -7.05
CA GLY A 233 3.22 -0.46 -5.70
C GLY A 233 3.35 -1.74 -4.90
N THR A 234 2.31 -2.55 -4.80
CA THR A 234 2.38 -3.74 -3.95
C THR A 234 3.31 -4.78 -4.58
N TYR A 235 3.38 -4.87 -5.88
CA TYR A 235 4.37 -5.71 -6.55
C TYR A 235 5.78 -5.29 -6.13
N ILE A 236 6.10 -4.01 -6.18
CA ILE A 236 7.43 -3.50 -5.80
C ILE A 236 7.67 -3.78 -4.31
N GLY A 237 6.70 -3.54 -3.47
CA GLY A 237 6.90 -3.76 -2.03
C GLY A 237 7.13 -5.23 -1.73
N SER A 238 6.38 -6.11 -2.36
CA SER A 238 6.57 -7.56 -2.14
C SER A 238 7.93 -7.98 -2.69
N ALA A 239 8.35 -7.51 -3.87
CA ALA A 239 9.65 -7.87 -4.45
C ALA A 239 10.76 -7.38 -3.52
N VAL A 240 10.71 -6.13 -3.05
CA VAL A 240 11.71 -5.62 -2.11
C VAL A 240 11.72 -6.47 -0.83
N GLY A 241 10.56 -6.77 -0.31
CA GLY A 241 10.50 -7.58 0.92
C GLY A 241 11.11 -8.96 0.70
N LEU A 242 10.87 -9.56 -0.46
N LEU A 242 10.84 -9.59 -0.46
CA LEU A 242 11.38 -10.93 -0.72
CA LEU A 242 11.43 -10.93 -0.73
C LEU A 242 12.89 -10.86 -0.98
C LEU A 242 12.93 -10.78 -0.82
N TYR A 243 13.42 -9.76 -1.51
CA TYR A 243 14.86 -9.53 -1.63
C TYR A 243 15.42 -9.45 -0.20
N LYS A 244 14.77 -8.75 0.70
CA LYS A 244 15.36 -8.53 2.07
C LYS A 244 15.36 -9.86 2.83
N ALA A 245 14.33 -10.68 2.64
CA ALA A 245 14.19 -11.96 3.36
C ALA A 245 15.20 -12.97 2.82
N THR A 246 15.49 -12.97 1.52
CA THR A 246 16.21 -14.07 0.82
C THR A 246 17.63 -13.67 0.39
N GLY A 247 17.93 -12.39 0.19
CA GLY A 247 19.20 -11.92 -0.41
C GLY A 247 19.29 -12.16 -1.91
N ASN A 248 18.25 -12.68 -2.57
CA ASN A 248 18.32 -13.00 -4.00
C ASN A 248 18.09 -11.72 -4.82
N ALA A 249 19.12 -11.27 -5.51
CA ALA A 249 19.16 -10.03 -6.31
C ALA A 249 18.09 -10.04 -7.41
N VAL A 250 17.62 -11.18 -7.89
CA VAL A 250 16.58 -11.18 -8.93
C VAL A 250 15.33 -10.47 -8.42
N TYR A 251 14.97 -10.63 -7.16
CA TYR A 251 13.71 -10.01 -6.67
C TYR A 251 13.91 -8.49 -6.65
N LEU A 252 15.10 -8.00 -6.32
CA LEU A 252 15.33 -6.55 -6.37
C LEU A 252 15.30 -6.09 -7.83
N ASP A 253 15.83 -6.88 -8.75
CA ASP A 253 15.76 -6.53 -10.19
CA ASP A 253 15.77 -6.56 -10.21
C ASP A 253 14.29 -6.45 -10.61
N ASP A 254 13.46 -7.38 -10.12
CA ASP A 254 12.01 -7.37 -10.43
C ASP A 254 11.38 -6.06 -9.94
N ALA A 255 11.72 -5.62 -8.75
CA ALA A 255 11.21 -4.35 -8.19
C ALA A 255 11.65 -3.17 -9.03
N VAL A 256 12.90 -3.11 -9.44
CA VAL A 256 13.46 -1.98 -10.22
C VAL A 256 12.74 -1.98 -11.57
N LYS A 257 12.51 -3.11 -12.19
CA LYS A 257 11.83 -3.11 -13.51
C LYS A 257 10.43 -2.53 -13.34
N ALA A 258 9.74 -2.89 -12.28
CA ALA A 258 8.35 -2.41 -12.08
C ALA A 258 8.38 -0.92 -11.75
N ALA A 259 9.38 -0.42 -11.04
CA ALA A 259 9.54 1.02 -10.76
C ALA A 259 9.79 1.77 -12.06
N LYS A 260 10.70 1.27 -12.87
CA LYS A 260 10.98 1.91 -14.20
C LYS A 260 9.70 1.92 -15.03
N PHE A 261 8.98 0.81 -15.09
CA PHE A 261 7.72 0.80 -15.85
C PHE A 261 6.82 1.93 -15.36
N THR A 262 6.69 2.08 -14.04
CA THR A 262 5.78 3.10 -13.45
C THR A 262 6.21 4.49 -13.91
N LYS A 263 7.48 4.78 -13.78
CA LYS A 263 8.07 6.13 -14.04
C LYS A 263 7.96 6.43 -15.53
N ASN A 264 7.99 5.43 -16.39
CA ASN A 264 8.00 5.65 -17.86
C ASN A 264 6.61 5.55 -18.46
N HIS A 265 5.60 5.01 -17.77
CA HIS A 265 4.25 4.79 -18.37
C HIS A 265 3.12 5.43 -17.56
N LEU A 266 3.15 5.41 -16.22
CA LEU A 266 1.93 5.81 -15.46
C LEU A 266 2.10 7.26 -14.96
N VAL A 267 2.58 8.08 -15.89
CA VAL A 267 2.89 9.51 -15.68
C VAL A 267 2.32 10.29 -16.84
N ASP A 268 2.24 11.60 -16.65
CA ASP A 268 1.89 12.53 -17.75
C ASP A 268 3.17 12.89 -18.51
N SER A 269 2.99 13.76 -19.53
CA SER A 269 4.02 14.14 -20.52
C SER A 269 5.15 14.91 -19.82
N ASN A 270 4.96 15.30 -18.57
CA ASN A 270 6.01 16.02 -17.81
C ASN A 270 6.57 15.18 -16.69
N GLY A 271 6.20 13.91 -16.61
CA GLY A 271 6.74 13.01 -15.58
C GLY A 271 5.96 13.02 -14.28
N VAL A 272 4.87 13.76 -14.18
CA VAL A 272 4.04 13.72 -12.94
C VAL A 272 3.20 12.45 -12.95
N LEU A 273 3.22 11.71 -11.84
CA LEU A 273 2.33 10.53 -11.71
C LEU A 273 0.90 10.89 -12.13
N ASN A 274 0.23 9.97 -12.81
CA ASN A 274 -1.14 10.17 -13.29
C ASN A 274 -2.14 10.42 -12.16
N TYR A 275 -3.27 11.05 -12.48
CA TYR A 275 -4.49 11.01 -11.65
C TYR A 275 -5.37 9.89 -12.16
N GLU A 276 -5.69 8.92 -11.33
CA GLU A 276 -6.45 7.72 -11.75
C GLU A 276 -7.93 7.76 -11.35
N GLY A 277 -8.43 8.89 -10.90
CA GLY A 277 -9.88 9.08 -10.77
C GLY A 277 -10.53 8.98 -12.15
N PRO A 278 -11.87 8.90 -12.23
CA PRO A 278 -12.79 9.04 -11.10
C PRO A 278 -13.07 7.80 -10.25
N ASN A 279 -12.64 6.62 -10.67
CA ASN A 279 -12.78 5.40 -9.84
C ASN A 279 -12.36 5.70 -8.39
N GLY A 280 -13.27 5.49 -7.46
CA GLY A 280 -12.98 5.83 -6.06
C GLY A 280 -11.86 5.01 -5.50
N ASP A 281 -11.72 3.74 -5.87
CA ASP A 281 -10.62 2.91 -5.33
C ASP A 281 -9.27 3.40 -5.91
N LEU A 282 -9.21 3.77 -7.18
CA LEU A 282 -7.92 4.11 -7.81
C LEU A 282 -7.54 5.57 -7.48
N LYS A 283 -8.47 6.47 -7.15
CA LYS A 283 -8.15 7.90 -7.02
C LYS A 283 -6.99 8.13 -6.05
N GLY A 284 -6.92 7.35 -4.96
CA GLY A 284 -5.87 7.50 -3.96
C GLY A 284 -4.75 6.49 -4.12
N GLY A 285 -4.70 5.77 -5.22
CA GLY A 285 -3.70 4.70 -5.41
C GLY A 285 -2.27 5.18 -5.25
N LYS A 286 -1.97 6.44 -5.59
CA LYS A 286 -0.63 7.00 -5.44
C LYS A 286 -0.17 6.83 -3.99
N THR A 287 -1.09 6.78 -3.05
CA THR A 287 -0.69 6.60 -1.62
C THR A 287 0.07 5.28 -1.46
N ILE A 288 -0.52 4.21 -1.99
CA ILE A 288 0.11 2.87 -1.87
C ILE A 288 1.39 2.85 -2.71
N LEU A 289 1.36 3.37 -3.94
CA LEU A 289 2.58 3.42 -4.75
C LEU A 289 3.70 4.15 -4.00
N MET A 290 3.47 5.36 -3.53
CA MET A 290 4.54 6.14 -2.89
C MET A 290 5.08 5.41 -1.67
N ARG A 291 4.22 4.77 -0.89
CA ARG A 291 4.69 4.01 0.29
C ARG A 291 5.76 3.00 -0.15
N ASN A 292 5.45 2.26 -1.21
CA ASN A 292 6.33 1.17 -1.66
C ASN A 292 7.54 1.68 -2.45
N LEU A 293 7.41 2.77 -3.16
CA LEU A 293 8.58 3.38 -3.87
C LEU A 293 9.56 3.86 -2.80
N ALA A 294 9.10 4.35 -1.67
CA ALA A 294 10.02 4.76 -0.56
C ALA A 294 10.80 3.52 -0.08
N HIS A 295 10.17 2.37 0.05
CA HIS A 295 10.86 1.12 0.45
C HIS A 295 12.01 0.86 -0.52
N LEU A 296 11.71 0.93 -1.83
CA LEU A 296 12.75 0.67 -2.85
C LEU A 296 13.87 1.71 -2.73
N GLN A 297 13.52 2.98 -2.61
CA GLN A 297 14.53 4.04 -2.49
C GLN A 297 15.47 3.70 -1.31
N LYS A 298 14.90 3.34 -0.17
CA LYS A 298 15.71 3.07 1.07
C LYS A 298 16.62 1.89 0.80
N THR A 299 16.12 0.83 0.17
CA THR A 299 16.95 -0.34 -0.11
C THR A 299 18.08 0.01 -1.07
N LEU A 300 17.83 0.77 -2.14
CA LEU A 300 18.90 1.19 -3.07
C LEU A 300 19.95 2.02 -2.31
N ASP A 301 19.52 2.84 -1.39
CA ASP A 301 20.44 3.81 -0.72
C ASP A 301 21.36 3.06 0.24
N GLU A 302 20.97 1.91 0.76
CA GLU A 302 21.79 1.24 1.80
C GLU A 302 22.45 -0.02 1.21
N THR A 303 22.45 -0.23 -0.10
CA THR A 303 23.03 -1.42 -0.78
C THR A 303 23.99 -1.09 -1.95
N GLY A 304 23.97 0.12 -2.55
CA GLY A 304 24.69 0.46 -3.81
C GLY A 304 24.16 -0.29 -5.04
N GLN A 305 22.94 -0.79 -4.97
CA GLN A 305 22.35 -1.45 -6.14
C GLN A 305 21.87 -0.35 -7.11
N TYR A 306 21.89 -0.64 -8.41
N TYR A 306 21.90 -0.66 -8.40
CA TYR A 306 21.29 0.22 -9.46
CA TYR A 306 21.34 0.17 -9.49
C TYR A 306 21.67 1.68 -9.23
C TYR A 306 21.67 1.65 -9.30
N PRO A 307 22.97 2.02 -9.21
CA PRO A 307 23.34 3.40 -8.91
C PRO A 307 22.83 4.49 -9.89
N GLU A 308 22.90 4.24 -11.20
CA GLU A 308 22.43 5.21 -12.23
C GLU A 308 20.92 5.36 -12.06
N PHE A 309 20.19 4.25 -11.95
CA PHE A 309 18.73 4.36 -11.73
C PHE A 309 18.42 5.06 -10.41
N SER A 310 19.10 4.73 -9.33
CA SER A 310 18.88 5.34 -7.99
C SER A 310 18.90 6.87 -8.10
N ALA A 311 19.88 7.43 -8.83
CA ALA A 311 19.98 8.90 -8.94
C ALA A 311 18.76 9.46 -9.67
N GLU A 312 18.41 8.85 -10.80
CA GLU A 312 17.26 9.29 -11.64
C GLU A 312 15.93 9.12 -10.88
N PHE A 313 15.80 8.02 -10.16
CA PHE A 313 14.62 7.71 -9.33
C PHE A 313 14.46 8.79 -8.26
N ASP A 314 15.53 9.09 -7.55
CA ASP A 314 15.55 10.13 -6.50
C ASP A 314 15.08 11.46 -7.10
N GLU A 315 15.58 11.85 -8.27
CA GLU A 315 15.21 13.14 -8.93
C GLU A 315 13.72 13.12 -9.27
N TRP A 316 13.23 12.00 -9.79
CA TRP A 316 11.83 11.89 -10.26
C TRP A 316 10.89 11.89 -9.06
N LEU A 317 11.27 11.21 -7.99
CA LEU A 317 10.43 11.20 -6.74
C LEU A 317 10.39 12.63 -6.20
N ALA A 318 11.54 13.30 -6.15
CA ALA A 318 11.60 14.67 -5.59
C ALA A 318 10.76 15.60 -6.45
N PHE A 319 10.84 15.49 -7.76
CA PHE A 319 10.01 16.28 -8.67
C PHE A 319 8.52 16.10 -8.36
N ASN A 320 8.10 14.84 -8.27
CA ASN A 320 6.68 14.56 -7.96
C ASN A 320 6.28 15.12 -6.59
N ILE A 321 7.13 14.99 -5.59
CA ILE A 321 6.78 15.45 -4.22
C ILE A 321 6.68 16.99 -4.22
N GLU A 322 7.54 17.66 -4.95
CA GLU A 322 7.49 19.15 -5.08
C GLU A 322 6.25 19.58 -5.85
N MET A 323 5.92 18.87 -6.93
CA MET A 323 4.66 19.19 -7.66
C MET A 323 3.44 19.07 -6.71
N ALA A 324 3.36 17.98 -5.96
CA ALA A 324 2.28 17.75 -4.96
C ALA A 324 2.26 18.90 -3.94
N TRP A 325 3.42 19.19 -3.34
CA TRP A 325 3.53 20.32 -2.39
C TRP A 325 3.00 21.59 -3.02
N SER A 326 3.34 21.84 -4.29
CA SER A 326 2.92 23.10 -4.97
C SER A 326 1.40 23.15 -5.15
N HIS A 327 0.72 21.98 -5.09
CA HIS A 327 -0.74 21.84 -5.32
C HIS A 327 -1.55 21.99 -4.02
N GLN A 328 -0.92 22.29 -2.90
CA GLN A 328 -1.64 22.41 -1.61
C GLN A 328 -2.60 23.58 -1.65
N ASN A 329 -3.73 23.43 -1.00
CA ASN A 329 -4.64 24.57 -0.71
C ASN A 329 -4.15 25.32 0.53
N SER A 330 -4.88 26.37 0.92
CA SER A 330 -4.53 27.26 2.07
C SER A 330 -4.61 26.49 3.40
N ASP A 331 -5.30 25.34 3.45
CA ASP A 331 -5.32 24.43 4.63
C ASP A 331 -4.25 23.32 4.53
N HIS A 332 -3.30 23.36 3.56
CA HIS A 332 -2.16 22.43 3.46
C HIS A 332 -2.69 21.02 3.11
N ILE A 333 -3.81 20.95 2.39
CA ILE A 333 -4.42 19.70 1.85
C ILE A 333 -4.15 19.67 0.36
N VAL A 334 -3.70 18.52 -0.15
CA VAL A 334 -3.37 18.35 -1.59
C VAL A 334 -4.33 17.32 -2.20
N ASP A 335 -5.17 17.73 -3.13
CA ASP A 335 -6.02 16.76 -3.83
C ASP A 335 -5.14 15.91 -4.75
N GLY A 336 -5.67 14.77 -5.18
CA GLY A 336 -4.87 13.80 -5.94
C GLY A 336 -4.54 14.23 -7.36
N ASN A 337 -5.06 15.35 -7.88
CA ASN A 337 -4.71 15.80 -9.25
C ASN A 337 -3.46 16.68 -9.18
N TRP A 338 -2.29 16.10 -8.93
CA TRP A 338 -1.07 16.84 -8.58
C TRP A 338 -0.64 17.79 -9.71
N ALA A 339 -0.97 17.48 -10.96
CA ALA A 339 -0.53 18.27 -12.15
C ALA A 339 -1.54 19.36 -12.49
N GLY A 340 -2.72 19.34 -11.87
CA GLY A 340 -3.82 20.25 -12.24
C GLY A 340 -3.85 21.56 -11.46
N GLN A 341 -4.83 22.38 -11.79
CA GLN A 341 -5.09 23.68 -11.11
C GLN A 341 -5.72 23.39 -9.74
N LEU A 342 -5.44 24.26 -8.79
CA LEU A 342 -5.99 24.25 -7.40
C LEU A 342 -7.52 24.09 -7.42
N GLY A 345 -13.47 23.50 -3.34
CA GLY A 345 -14.50 22.45 -3.45
C GLY A 345 -14.41 21.46 -2.29
N THR A 346 -15.10 20.33 -2.42
CA THR A 346 -15.04 19.25 -1.41
C THR A 346 -13.71 18.53 -1.56
N TYR A 347 -12.99 18.25 -0.48
CA TYR A 347 -11.74 17.45 -0.58
C TYR A 347 -12.05 16.06 -0.04
N GLU A 348 -11.34 15.08 -0.60
CA GLU A 348 -11.58 13.64 -0.27
C GLU A 348 -10.34 13.10 0.44
N SER A 349 -10.53 12.30 1.49
CA SER A 349 -9.40 11.81 2.31
C SER A 349 -8.53 10.82 1.52
N TRP A 350 -9.11 10.01 0.62
CA TRP A 350 -8.27 8.99 -0.07
C TRP A 350 -7.41 9.69 -1.12
N SER A 351 -8.00 10.49 -1.99
CA SER A 351 -7.27 11.30 -3.00
C SER A 351 -6.18 12.15 -2.29
N SER A 352 -6.50 12.74 -1.15
CA SER A 352 -5.62 13.71 -0.45
C SER A 352 -4.51 12.99 0.33
N ALA A 353 -4.65 11.70 0.61
CA ALA A 353 -3.67 10.95 1.42
C ALA A 353 -2.32 10.84 0.67
N ALA A 354 -2.35 10.85 -0.67
CA ALA A 354 -1.15 10.46 -1.42
C ALA A 354 -0.04 11.48 -1.13
N ALA A 355 -0.34 12.79 -1.10
CA ALA A 355 0.70 13.81 -0.84
C ALA A 355 1.24 13.63 0.55
N VAL A 356 0.38 13.35 1.52
CA VAL A 356 0.84 13.17 2.92
C VAL A 356 1.80 11.98 2.92
N GLN A 357 1.41 10.87 2.31
CA GLN A 357 2.32 9.70 2.26
C GLN A 357 3.68 10.08 1.63
N ALA A 358 3.62 10.79 0.53
CA ALA A 358 4.80 11.19 -0.28
C ALA A 358 5.77 11.95 0.62
N LEU A 359 5.22 12.77 1.53
CA LEU A 359 6.05 13.60 2.45
C LEU A 359 6.45 12.86 3.73
N ASN A 360 6.04 11.62 3.91
CA ASN A 360 6.37 10.75 5.07
C ASN A 360 7.07 9.46 4.63
N GLY A 361 7.91 9.54 3.59
CA GLY A 361 8.59 8.35 3.02
C GLY A 361 9.48 7.65 4.04
N ILE A 362 9.34 6.33 4.21
CA ILE A 362 10.18 5.49 5.10
C ILE A 362 10.64 4.22 4.36
#